data_4QTT
#
_entry.id   4QTT
#
_cell.length_a   74.420
_cell.length_b   53.880
_cell.length_c   83.760
_cell.angle_alpha   90.00
_cell.angle_beta   95.32
_cell.angle_gamma   90.00
#
_symmetry.space_group_name_H-M   'P 1 21 1'
#
loop_
_entity.id
_entity.type
_entity.pdbx_description
1 polymer 'Multifunctional methyltransferase subunit TRM112'
2 polymer 'Putative methyltransferase BUD23'
3 non-polymer 'ZINC ION'
4 non-polymer 1,2-ETHANEDIOL
5 non-polymer 'DODECAETHYLENE GLYCOL'
6 water water
#
loop_
_entity_poly.entity_id
_entity_poly.type
_entity_poly.pdbx_seq_one_letter_code
_entity_poly.pdbx_strand_id
1 'polypeptide(L)'
;MKFLTTNFLKCSVKACDTSNDNFPLQYDGSKCQLVQDESIEFNPEFLLNIVDRVDWPAVLTVAAELGNNALPPTKPSFPS
SIQELTDDDMAILNDLHTLLLQTSIAEGEMKCRNCGHIYYIKNGIPNLLLPPHLV
;
A,C
2 'polypeptide(L)'
;MSRPEELAPPEIFYNDSEAHKYTGSTRVQHIQAKMTLRALELLNLQPCSFILDIGCGSGLSGEILTQEGDHVWCGLDISP
SMLATGLSRELEGDLMLQDMGTGIPFRAGSFDAAISISAIQWL(CSO)NADTSYNDPKQRLMRFFNTLYAALKKGGKFVA
QFYPKNDDQVDDILQSAKVAGFSGGLVVDDPESKKNKKYYLVLSSGHHHHHH
;
B,D
#
loop_
_chem_comp.id
_chem_comp.type
_chem_comp.name
_chem_comp.formula
12P non-polymer 'DODECAETHYLENE GLYCOL' 'C24 H50 O13'
EDO non-polymer 1,2-ETHANEDIOL 'C2 H6 O2'
ZN non-polymer 'ZINC ION' 'Zn 2'
#
# COMPACT_ATOMS: atom_id res chain seq x y z
N MET A 1 -0.92 18.73 29.08
CA MET A 1 -1.26 19.20 27.72
C MET A 1 -0.24 20.22 27.25
N LYS A 2 0.44 19.92 26.15
CA LYS A 2 1.52 20.77 25.63
C LYS A 2 1.01 22.12 25.13
N PHE A 3 1.84 23.15 25.22
CA PHE A 3 1.47 24.45 24.67
C PHE A 3 1.06 24.33 23.19
N LEU A 4 1.76 23.49 22.43
CA LEU A 4 1.41 23.27 21.03
C LEU A 4 -0.08 22.94 20.85
N THR A 5 -0.57 22.06 21.72
CA THR A 5 -1.97 21.63 21.67
C THR A 5 -2.94 22.83 21.81
N THR A 6 -2.54 23.84 22.59
CA THR A 6 -3.40 25.04 22.75
C THR A 6 -3.60 25.73 21.41
N ASN A 7 -2.67 25.50 20.48
CA ASN A 7 -2.74 26.16 19.18
C ASN A 7 -3.63 25.41 18.18
N PHE A 8 -4.23 24.31 18.61
CA PHE A 8 -5.15 23.61 17.70
C PHE A 8 -6.47 23.24 18.35
N LEU A 9 -6.47 23.08 19.68
CA LEU A 9 -7.69 22.71 20.39
C LEU A 9 -8.70 23.86 20.39
N LYS A 10 -9.94 23.53 20.01
CA LYS A 10 -11.01 24.52 19.98
C LYS A 10 -12.16 24.04 20.85
N CYS A 11 -13.20 24.86 20.97
CA CYS A 11 -14.36 24.45 21.74
C CYS A 11 -15.06 23.27 21.10
N SER A 12 -15.43 22.31 21.94
CA SER A 12 -16.09 21.09 21.46
C SER A 12 -17.58 21.28 21.26
N VAL A 13 -18.13 22.41 21.72
CA VAL A 13 -19.57 22.63 21.65
C VAL A 13 -19.97 22.85 20.21
N LYS A 14 -20.96 22.08 19.74
CA LYS A 14 -21.32 22.08 18.32
C LYS A 14 -21.77 23.46 17.85
N ALA A 15 -22.56 24.13 18.69
CA ALA A 15 -23.06 25.46 18.35
C ALA A 15 -21.93 26.48 18.10
N CYS A 16 -20.72 26.13 18.54
CA CYS A 16 -19.57 27.02 18.34
C CYS A 16 -18.77 26.80 17.07
N ASP A 17 -19.13 25.76 16.31
CA ASP A 17 -18.38 25.34 15.12
C ASP A 17 -17.93 26.48 14.23
N THR A 18 -18.85 27.42 13.95
CA THR A 18 -18.57 28.47 12.98
C THR A 18 -18.29 29.79 13.67
N SER A 19 -18.01 29.73 14.97
CA SER A 19 -17.66 30.94 15.72
C SER A 19 -16.16 31.22 15.69
N ASN A 20 -15.80 32.44 15.30
CA ASN A 20 -14.43 32.92 15.37
C ASN A 20 -13.84 32.86 16.76
N ASP A 21 -14.70 32.82 17.78
CA ASP A 21 -14.22 32.80 19.16
C ASP A 21 -14.16 31.40 19.80
N ASN A 22 -14.28 30.36 18.97
CA ASN A 22 -14.16 28.97 19.47
C ASN A 22 -12.70 28.56 19.61
N PHE A 23 -11.82 29.41 19.09
CA PHE A 23 -10.39 29.17 19.10
C PHE A 23 -9.64 30.51 19.05
N PRO A 24 -8.57 30.64 19.84
CA PRO A 24 -8.14 29.64 20.82
C PRO A 24 -8.99 29.73 22.09
N LEU A 25 -8.93 28.70 22.92
CA LEU A 25 -9.57 28.73 24.23
C LEU A 25 -8.85 29.77 25.08
N GLN A 26 -9.50 30.20 26.16
CA GLN A 26 -8.93 31.22 27.04
C GLN A 26 -8.43 30.54 28.30
N TYR A 27 -7.12 30.55 28.49
CA TYR A 27 -6.50 29.80 29.58
C TYR A 27 -6.37 30.67 30.82
N ASP A 28 -6.70 30.10 31.99
CA ASP A 28 -6.67 30.86 33.25
C ASP A 28 -5.27 30.90 33.83
N GLY A 29 -4.66 32.08 33.77
CA GLY A 29 -3.29 32.26 34.26
C GLY A 29 -3.11 31.99 35.75
N SER A 30 -4.20 32.09 36.51
CA SER A 30 -4.13 31.92 37.95
C SER A 30 -4.34 30.47 38.38
N LYS A 31 -4.69 29.61 37.43
CA LYS A 31 -5.02 28.22 37.72
C LYS A 31 -4.04 27.26 37.05
N CYS A 32 -3.47 27.69 35.93
CA CYS A 32 -2.64 26.80 35.12
C CYS A 32 -1.24 26.68 35.68
N GLN A 33 -0.88 25.46 36.08
CA GLN A 33 0.44 25.16 36.59
C GLN A 33 1.27 24.55 35.47
N LEU A 34 2.40 25.17 35.16
CA LEU A 34 3.16 24.76 33.98
C LEU A 34 4.28 23.80 34.35
N VAL A 35 4.64 22.95 33.39
CA VAL A 35 5.73 22.00 33.57
C VAL A 35 6.64 22.04 32.35
N GLN A 36 7.94 22.08 32.58
CA GLN A 36 8.91 21.91 31.49
C GLN A 36 9.38 20.46 31.43
N ASP A 37 9.16 19.81 30.29
CA ASP A 37 9.60 18.43 30.09
C ASP A 37 10.74 18.35 29.08
N GLU A 38 11.96 18.26 29.60
CA GLU A 38 13.16 18.23 28.76
C GLU A 38 13.35 16.87 28.05
N SER A 39 12.52 15.89 28.37
CA SER A 39 12.68 14.54 27.84
C SER A 39 12.35 14.44 26.35
N ILE A 40 11.48 15.32 25.87
CA ILE A 40 11.11 15.30 24.45
C ILE A 40 12.20 15.97 23.63
N GLU A 41 12.94 15.15 22.88
CA GLU A 41 14.08 15.61 22.12
C GLU A 41 13.72 16.66 21.06
N PHE A 42 14.64 17.61 20.87
CA PHE A 42 14.55 18.58 19.79
C PHE A 42 14.24 17.87 18.46
N ASN A 43 13.16 18.31 17.81
CA ASN A 43 12.72 17.72 16.55
C ASN A 43 12.51 18.83 15.53
N PRO A 44 13.60 19.24 14.87
CA PRO A 44 13.47 20.38 13.95
C PRO A 44 12.69 20.03 12.68
N GLU A 45 12.69 18.77 12.25
CA GLU A 45 11.86 18.41 11.10
C GLU A 45 10.38 18.60 11.39
N PHE A 46 9.95 18.16 12.57
CA PHE A 46 8.55 18.36 12.93
C PHE A 46 8.19 19.85 12.90
N LEU A 47 9.03 20.68 13.52
CA LEU A 47 8.76 22.12 13.60
C LEU A 47 8.68 22.75 12.21
N LEU A 48 9.61 22.41 11.33
CA LEU A 48 9.52 22.90 9.94
C LEU A 48 8.21 22.43 9.29
N ASN A 49 7.77 21.22 9.64
CA ASN A 49 6.55 20.68 9.03
C ASN A 49 5.32 21.38 9.56
N ILE A 50 5.40 21.87 10.80
CA ILE A 50 4.20 22.39 11.45
C ILE A 50 4.02 23.91 11.32
N VAL A 51 5.12 24.63 11.13
CA VAL A 51 5.12 26.09 11.32
C VAL A 51 4.10 26.83 10.45
N ASP A 52 3.92 26.41 9.20
CA ASP A 52 2.97 27.10 8.31
C ASP A 52 1.57 27.02 8.90
N ARG A 53 1.25 25.91 9.56
CA ARG A 53 -0.08 25.71 10.14
C ARG A 53 -0.30 26.44 11.47
N VAL A 54 0.80 26.81 12.14
CA VAL A 54 0.69 27.40 13.48
C VAL A 54 0.01 28.76 13.36
N ASP A 55 -0.92 29.05 14.27
CA ASP A 55 -1.63 30.33 14.27
C ASP A 55 -0.90 31.27 15.25
N TRP A 56 0.03 32.06 14.73
CA TRP A 56 0.85 32.91 15.59
C TRP A 56 0.06 33.82 16.56
N PRO A 57 -0.96 34.54 16.06
CA PRO A 57 -1.74 35.39 16.99
C PRO A 57 -2.27 34.57 18.17
N ALA A 58 -2.70 33.34 17.90
CA ALA A 58 -3.18 32.45 18.95
C ALA A 58 -2.04 32.02 19.89
N VAL A 59 -0.85 31.81 19.37
CA VAL A 59 0.31 31.54 20.22
C VAL A 59 0.52 32.71 21.18
N LEU A 60 0.50 33.92 20.62
CA LEU A 60 0.77 35.11 21.42
C LEU A 60 -0.28 35.26 22.52
N THR A 61 -1.54 35.09 22.15
CA THR A 61 -2.63 35.22 23.11
C THR A 61 -2.48 34.25 24.28
N VAL A 62 -2.37 32.96 23.98
CA VAL A 62 -2.27 31.95 25.03
C VAL A 62 -1.01 32.12 25.89
N ALA A 63 0.13 32.41 25.25
CA ALA A 63 1.38 32.61 25.98
C ALA A 63 1.30 33.81 26.95
N ALA A 64 0.65 34.88 26.51
CA ALA A 64 0.45 36.05 27.36
C ALA A 64 -0.46 35.69 28.55
N GLU A 65 -1.52 34.94 28.28
CA GLU A 65 -2.41 34.46 29.34
C GLU A 65 -1.65 33.63 30.38
N LEU A 66 -0.56 33.00 29.94
CA LEU A 66 0.23 32.13 30.80
C LEU A 66 1.46 32.86 31.33
N GLY A 67 1.48 34.18 31.14
CA GLY A 67 2.53 35.00 31.71
C GLY A 67 3.81 35.12 30.89
N ASN A 68 3.75 34.77 29.62
CA ASN A 68 4.90 34.99 28.73
C ASN A 68 4.55 36.01 27.63
N ASN A 69 5.18 37.19 27.70
CA ASN A 69 4.99 38.22 26.69
C ASN A 69 6.31 38.54 26.02
N ALA A 70 7.29 37.67 26.23
CA ALA A 70 8.62 37.85 25.66
C ALA A 70 8.75 37.17 24.29
N LEU A 71 7.67 37.22 23.51
CA LEU A 71 7.64 36.58 22.20
C LEU A 71 7.62 37.62 21.06
N PRO A 72 8.26 37.30 19.93
CA PRO A 72 8.22 38.18 18.75
C PRO A 72 6.78 38.32 18.22
N PRO A 73 6.41 39.52 17.77
CA PRO A 73 5.03 39.79 17.35
C PRO A 73 4.72 39.13 16.01
N THR A 74 5.75 38.71 15.29
CA THR A 74 5.59 38.12 13.96
C THR A 74 6.05 36.65 13.98
N LYS A 75 5.30 35.76 13.32
CA LYS A 75 5.68 34.35 13.29
C LYS A 75 7.05 34.16 12.65
N PRO A 76 7.94 33.42 13.33
CA PRO A 76 9.23 33.02 12.75
C PRO A 76 9.02 32.25 11.45
N SER A 77 9.87 32.54 10.46
CA SER A 77 9.85 31.84 9.18
C SER A 77 11.20 31.15 8.99
N PHE A 78 11.25 30.14 8.13
CA PHE A 78 12.42 29.30 8.00
C PHE A 78 12.68 28.91 6.57
N PRO A 79 13.91 28.42 6.26
CA PRO A 79 14.12 27.85 4.93
C PRO A 79 13.31 26.57 4.79
N SER A 80 13.30 25.97 3.60
CA SER A 80 12.43 24.83 3.31
C SER A 80 13.10 23.49 3.63
N SER A 81 14.31 23.52 4.18
CA SER A 81 15.08 22.30 4.40
C SER A 81 16.03 22.45 5.59
N ILE A 82 16.26 21.35 6.29
CA ILE A 82 17.16 21.32 7.46
C ILE A 82 18.55 21.86 7.17
N GLN A 83 19.12 21.49 6.03
CA GLN A 83 20.50 21.86 5.72
C GLN A 83 20.68 23.37 5.52
N GLU A 84 19.58 24.06 5.22
CA GLU A 84 19.65 25.49 4.96
C GLU A 84 19.55 26.34 6.23
N LEU A 85 19.29 25.70 7.36
CA LEU A 85 19.19 26.42 8.65
C LEU A 85 20.50 27.11 9.05
N THR A 86 20.39 28.35 9.54
CA THR A 86 21.52 29.06 10.13
C THR A 86 21.53 28.83 11.64
N ASP A 87 22.62 29.23 12.30
CA ASP A 87 22.70 29.13 13.74
C ASP A 87 21.60 29.94 14.39
N ASP A 88 21.26 31.08 13.78
CA ASP A 88 20.14 31.88 14.26
C ASP A 88 18.81 31.17 14.04
N ASP A 89 18.63 30.54 12.88
CA ASP A 89 17.43 29.75 12.63
C ASP A 89 17.31 28.68 13.71
N MET A 90 18.41 27.97 13.92
CA MET A 90 18.48 26.87 14.87
C MET A 90 18.10 27.31 16.28
N ALA A 91 18.61 28.46 16.71
CA ALA A 91 18.32 28.97 18.04
C ALA A 91 16.84 29.27 18.20
N ILE A 92 16.22 29.81 17.15
CA ILE A 92 14.80 30.14 17.22
C ILE A 92 13.97 28.85 17.20
N LEU A 93 14.36 27.92 16.33
CA LEU A 93 13.72 26.60 16.29
C LEU A 93 13.81 25.93 17.66
N ASN A 94 14.98 26.05 18.30
CA ASN A 94 15.14 25.53 19.65
C ASN A 94 14.21 26.21 20.66
N ASP A 95 14.12 27.55 20.58
CA ASP A 95 13.17 28.28 21.42
C ASP A 95 11.73 27.86 21.14
N LEU A 96 11.40 27.66 19.87
CA LEU A 96 10.09 27.13 19.49
C LEU A 96 9.86 25.75 20.09
N HIS A 97 10.88 24.90 20.02
CA HIS A 97 10.76 23.56 20.60
C HIS A 97 10.37 23.63 22.08
N THR A 98 11.14 24.42 22.84
CA THR A 98 10.89 24.59 24.29
C THR A 98 9.49 25.10 24.56
N LEU A 99 9.12 26.15 23.84
CA LEU A 99 7.81 26.77 23.94
C LEU A 99 6.68 25.81 23.60
N LEU A 100 6.77 25.17 22.43
CA LEU A 100 5.66 24.39 21.90
C LEU A 100 5.63 22.95 22.45
N LEU A 101 6.77 22.29 22.46
CA LEU A 101 6.80 20.86 22.78
C LEU A 101 7.11 20.59 24.25
N GLN A 102 8.05 21.33 24.81
CA GLN A 102 8.56 21.03 26.15
C GLN A 102 7.79 21.71 27.30
N THR A 103 6.90 22.61 26.93
CA THR A 103 6.09 23.32 27.91
C THR A 103 4.68 22.76 27.93
N SER A 104 4.20 22.34 29.09
CA SER A 104 2.83 21.82 29.19
C SER A 104 2.09 22.33 30.42
N ILE A 105 0.77 22.23 30.37
CA ILE A 105 -0.10 22.56 31.49
C ILE A 105 -0.43 21.25 32.21
N ALA A 106 0.04 21.10 33.46
CA ALA A 106 -0.20 19.87 34.23
C ALA A 106 -1.58 19.90 34.89
N GLU A 107 -1.92 21.05 35.45
CA GLU A 107 -3.22 21.27 36.06
C GLU A 107 -3.67 22.67 35.67
N GLY A 108 -4.95 22.82 35.34
CA GLY A 108 -5.47 24.13 35.00
C GLY A 108 -6.85 24.06 34.43
N GLU A 109 -7.28 25.17 33.83
CA GLU A 109 -8.59 25.23 33.19
C GLU A 109 -8.62 26.30 32.11
N MET A 110 -9.57 26.17 31.19
CA MET A 110 -9.71 27.13 30.11
C MET A 110 -11.14 27.16 29.61
N LYS A 111 -11.54 28.30 29.06
CA LYS A 111 -12.92 28.41 28.62
C LYS A 111 -13.07 28.85 27.18
N CYS A 112 -14.22 28.51 26.59
CA CYS A 112 -14.54 29.03 25.28
C CYS A 112 -14.92 30.52 25.37
N ARG A 113 -14.35 31.33 24.50
CA ARG A 113 -14.64 32.76 24.53
C ARG A 113 -15.99 33.05 23.89
N ASN A 114 -16.52 32.08 23.14
CA ASN A 114 -17.84 32.22 22.54
C ASN A 114 -18.95 31.80 23.51
N CYS A 115 -18.86 30.57 24.04
CA CYS A 115 -19.95 30.03 24.86
C CYS A 115 -19.66 30.04 26.37
N GLY A 116 -18.44 30.35 26.75
CA GLY A 116 -18.10 30.38 28.17
C GLY A 116 -17.87 29.03 28.85
N HIS A 117 -18.15 27.92 28.17
CA HIS A 117 -17.95 26.60 28.80
C HIS A 117 -16.53 26.44 29.30
N ILE A 118 -16.39 25.94 30.52
CA ILE A 118 -15.07 25.81 31.12
C ILE A 118 -14.56 24.36 31.10
N TYR A 119 -13.37 24.17 30.55
CA TYR A 119 -12.75 22.84 30.48
C TYR A 119 -11.65 22.73 31.53
N TYR A 120 -11.52 21.54 32.12
CA TYR A 120 -10.54 21.31 33.16
C TYR A 120 -9.41 20.39 32.71
N ILE A 121 -8.18 20.71 33.15
CA ILE A 121 -7.02 19.87 32.88
C ILE A 121 -6.47 19.29 34.19
N LYS A 122 -6.37 17.97 34.25
CA LYS A 122 -5.84 17.28 35.44
C LYS A 122 -4.81 16.23 35.02
N ASN A 123 -3.69 16.19 35.74
CA ASN A 123 -2.58 15.31 35.38
C ASN A 123 -2.15 15.44 33.91
N GLY A 124 -2.25 16.66 33.37
CA GLY A 124 -1.84 16.92 31.99
C GLY A 124 -2.92 16.63 30.97
N ILE A 125 -4.03 16.07 31.42
CA ILE A 125 -5.08 15.64 30.53
C ILE A 125 -6.32 16.52 30.61
N PRO A 126 -6.67 17.18 29.49
CA PRO A 126 -7.91 17.95 29.42
C PRO A 126 -9.11 17.03 29.37
N ASN A 127 -10.17 17.43 30.08
CA ASN A 127 -11.44 16.71 30.00
C ASN A 127 -12.33 17.43 29.00
N LEU A 128 -12.59 16.77 27.87
CA LEU A 128 -13.31 17.40 26.78
C LEU A 128 -14.70 16.80 26.65
N LEU A 129 -15.12 16.06 27.67
CA LEU A 129 -16.48 15.49 27.68
C LEU A 129 -17.50 16.60 27.92
N LEU A 130 -18.61 16.53 27.18
CA LEU A 130 -19.63 17.57 27.26
C LEU A 130 -20.85 17.09 28.02
N PRO A 131 -21.17 17.79 29.13
CA PRO A 131 -22.30 17.46 29.99
C PRO A 131 -23.64 17.59 29.26
N PRO A 132 -24.70 16.96 29.79
CA PRO A 132 -26.06 17.08 29.25
C PRO A 132 -26.51 18.55 29.19
N LYS B 21 -15.28 -13.16 28.41
CA LYS B 21 -13.98 -13.83 28.37
C LYS B 21 -12.92 -12.90 27.75
N TYR B 22 -11.67 -13.37 27.74
CA TYR B 22 -10.51 -12.48 27.64
C TYR B 22 -9.27 -13.01 26.92
N THR B 23 -8.38 -12.08 26.65
CA THR B 23 -7.12 -12.37 25.98
C THR B 23 -6.01 -11.81 26.86
N GLY B 24 -4.90 -12.53 26.94
CA GLY B 24 -3.74 -12.07 27.69
C GLY B 24 -3.35 -10.68 27.25
N SER B 25 -3.04 -9.81 28.21
CA SER B 25 -2.68 -8.44 27.90
C SER B 25 -1.45 -8.39 26.98
N THR B 26 -0.52 -9.33 27.12
CA THR B 26 0.63 -9.33 26.18
C THR B 26 0.13 -9.68 24.77
N ARG B 27 -0.86 -10.55 24.69
CA ARG B 27 -1.36 -10.95 23.38
C ARG B 27 -2.15 -9.81 22.70
N VAL B 28 -2.95 -9.09 23.47
CA VAL B 28 -3.65 -7.93 22.95
C VAL B 28 -2.62 -6.90 22.49
N GLN B 29 -1.60 -6.69 23.31
CA GLN B 29 -0.53 -5.77 22.95
C GLN B 29 0.15 -6.14 21.64
N HIS B 30 0.48 -7.41 21.44
CA HIS B 30 1.18 -7.83 20.22
C HIS B 30 0.29 -7.58 19.03
N ILE B 31 -0.99 -7.92 19.16
CA ILE B 31 -1.90 -7.78 18.02
C ILE B 31 -2.13 -6.31 17.67
N GLN B 32 -2.33 -5.49 18.69
CA GLN B 32 -2.49 -4.06 18.49
C GLN B 32 -1.25 -3.39 17.90
N ALA B 33 -0.06 -3.85 18.31
CA ALA B 33 1.16 -3.32 17.70
C ALA B 33 1.21 -3.65 16.21
N LYS B 34 0.87 -4.88 15.88
CA LYS B 34 0.89 -5.31 14.50
C LYS B 34 -0.10 -4.51 13.64
N MET B 35 -1.30 -4.28 14.19
CA MET B 35 -2.33 -3.53 13.46
C MET B 35 -1.97 -2.06 13.34
N THR B 36 -1.32 -1.52 14.35
CA THR B 36 -0.85 -0.14 14.30
C THR B 36 0.20 0.01 13.23
N LEU B 37 1.15 -0.94 13.17
CA LEU B 37 2.18 -0.91 12.14
C LEU B 37 1.57 -1.06 10.74
N ARG B 38 0.55 -1.90 10.64
CA ARG B 38 -0.08 -2.10 9.35
C ARG B 38 -0.82 -0.83 8.92
N ALA B 39 -1.49 -0.20 9.88
CA ALA B 39 -2.18 1.06 9.63
C ALA B 39 -1.18 2.09 9.14
N LEU B 40 0.00 2.11 9.75
CA LEU B 40 1.01 3.10 9.36
C LEU B 40 1.52 2.82 7.94
N GLU B 41 1.64 1.54 7.60
CA GLU B 41 2.06 1.15 6.26
C GLU B 41 1.03 1.66 5.25
N LEU B 42 -0.24 1.45 5.58
CA LEU B 42 -1.36 1.93 4.76
C LEU B 42 -1.37 3.45 4.67
N LEU B 43 -1.02 4.13 5.76
CA LEU B 43 -0.99 5.60 5.75
C LEU B 43 0.12 6.18 4.88
N ASN B 44 1.28 5.52 4.93
CA ASN B 44 2.43 5.88 4.09
C ASN B 44 2.81 7.35 4.26
N LEU B 45 3.08 7.74 5.51
CA LEU B 45 3.27 9.15 5.84
C LEU B 45 4.72 9.55 5.69
N GLN B 46 4.98 10.85 5.62
CA GLN B 46 6.34 11.36 5.80
C GLN B 46 6.62 11.35 7.29
N PRO B 47 7.89 11.13 7.67
CA PRO B 47 8.32 11.19 9.09
C PRO B 47 7.98 12.53 9.71
N CYS B 48 7.87 12.57 11.04
CA CYS B 48 7.66 13.83 11.77
C CYS B 48 6.40 14.58 11.36
N SER B 49 5.31 13.84 11.19
CA SER B 49 4.01 14.43 10.90
C SER B 49 3.25 14.71 12.19
N PHE B 50 2.10 15.36 12.06
CA PHE B 50 1.24 15.70 13.18
C PHE B 50 -0.02 14.85 13.06
N ILE B 51 -0.24 13.94 14.02
CA ILE B 51 -1.21 12.86 13.85
C ILE B 51 -2.23 12.83 14.97
N LEU B 52 -3.48 12.58 14.61
CA LEU B 52 -4.54 12.37 15.59
C LEU B 52 -4.79 10.87 15.80
N ASP B 53 -4.64 10.40 17.03
CA ASP B 53 -4.85 8.98 17.34
C ASP B 53 -6.21 8.85 18.00
N ILE B 54 -7.17 8.31 17.26
CA ILE B 54 -8.56 8.32 17.69
C ILE B 54 -8.93 7.01 18.39
N GLY B 55 -9.36 7.12 19.65
CA GLY B 55 -9.68 5.94 20.45
C GLY B 55 -8.38 5.29 20.88
N CYS B 56 -7.48 6.11 21.45
CA CYS B 56 -6.09 5.70 21.68
C CYS B 56 -5.91 4.67 22.79
N GLY B 57 -6.98 4.37 23.52
CA GLY B 57 -6.86 3.43 24.64
C GLY B 57 -5.72 3.86 25.56
N SER B 58 -4.87 2.90 25.94
CA SER B 58 -3.77 3.21 26.86
C SER B 58 -2.51 3.75 26.16
N GLY B 59 -2.63 4.12 24.88
CA GLY B 59 -1.54 4.83 24.25
C GLY B 59 -0.47 3.96 23.62
N LEU B 60 -0.76 2.66 23.51
CA LEU B 60 0.19 1.73 22.87
C LEU B 60 0.43 2.13 21.43
N SER B 61 -0.63 2.52 20.71
CA SER B 61 -0.47 2.97 19.32
C SER B 61 0.36 4.26 19.24
N GLY B 62 0.18 5.18 20.19
CA GLY B 62 0.94 6.42 20.22
C GLY B 62 2.43 6.15 20.39
N GLU B 63 2.75 5.15 21.22
CA GLU B 63 4.15 4.75 21.44
C GLU B 63 4.81 4.40 20.11
N ILE B 64 4.06 3.69 19.27
CA ILE B 64 4.55 3.24 17.97
C ILE B 64 4.65 4.39 16.96
N LEU B 65 3.67 5.30 16.97
CA LEU B 65 3.75 6.52 16.18
C LEU B 65 5.05 7.27 16.45
N THR B 66 5.35 7.45 17.73
CA THR B 66 6.56 8.13 18.17
C THR B 66 7.81 7.41 17.66
N GLN B 67 7.86 6.11 17.89
CA GLN B 67 9.08 5.36 17.60
C GLN B 67 9.28 5.12 16.11
N GLU B 68 8.23 4.64 15.43
CA GLU B 68 8.31 4.30 14.02
C GLU B 68 8.50 5.52 13.12
N GLY B 69 7.76 6.59 13.40
CA GLY B 69 7.67 7.68 12.44
C GLY B 69 8.21 9.01 12.94
N ASP B 70 8.63 9.02 14.21
CA ASP B 70 9.03 10.25 14.89
C ASP B 70 7.89 11.27 14.84
N HIS B 71 6.65 10.79 14.87
CA HIS B 71 5.50 11.68 14.76
C HIS B 71 5.14 12.28 16.10
N VAL B 72 4.51 13.46 16.04
CA VAL B 72 3.95 14.11 17.21
C VAL B 72 2.46 13.87 17.16
N TRP B 73 1.86 13.51 18.30
CA TRP B 73 0.47 13.09 18.25
C TRP B 73 -0.37 13.51 19.44
N CYS B 74 -1.68 13.54 19.22
CA CYS B 74 -2.66 13.74 20.27
C CYS B 74 -3.56 12.50 20.29
N GLY B 75 -3.82 11.95 21.47
CA GLY B 75 -4.61 10.75 21.58
C GLY B 75 -5.94 11.05 22.26
N LEU B 76 -7.01 10.51 21.72
CA LEU B 76 -8.33 10.74 22.30
C LEU B 76 -8.91 9.42 22.74
N ASP B 77 -9.43 9.38 23.96
CA ASP B 77 -10.18 8.20 24.41
C ASP B 77 -11.28 8.58 25.43
N ILE B 78 -12.38 7.87 25.36
CA ILE B 78 -13.50 8.04 26.30
C ILE B 78 -13.21 7.50 27.71
N SER B 79 -12.16 6.68 27.85
CA SER B 79 -11.95 5.93 29.12
C SER B 79 -10.87 6.50 30.04
N PRO B 80 -11.28 6.99 31.21
CA PRO B 80 -10.34 7.44 32.24
C PRO B 80 -9.34 6.37 32.64
N SER B 81 -9.78 5.12 32.79
CA SER B 81 -8.86 4.07 33.21
C SER B 81 -7.78 3.78 32.15
N MET B 82 -8.16 3.74 30.87
CA MET B 82 -7.17 3.63 29.80
C MET B 82 -6.16 4.78 29.82
N LEU B 83 -6.66 6.00 29.94
CA LEU B 83 -5.77 7.16 29.91
C LEU B 83 -4.83 7.18 31.12
N ALA B 84 -5.33 6.78 32.29
CA ALA B 84 -4.48 6.71 33.48
C ALA B 84 -3.32 5.72 33.24
N THR B 85 -3.63 4.61 32.59
CA THR B 85 -2.63 3.64 32.21
C THR B 85 -1.65 4.24 31.19
N GLY B 86 -2.18 5.01 30.25
CA GLY B 86 -1.34 5.75 29.32
C GLY B 86 -0.32 6.62 30.02
N LEU B 87 -0.76 7.30 31.09
CA LEU B 87 0.14 8.15 31.87
C LEU B 87 1.36 7.37 32.37
N SER B 88 1.17 6.09 32.71
CA SER B 88 2.26 5.31 33.30
C SER B 88 3.30 4.88 32.26
N ARG B 89 3.04 5.15 30.98
CA ARG B 89 3.92 4.65 29.92
C ARG B 89 5.04 5.59 29.49
N GLU B 90 5.11 6.79 30.07
CA GLU B 90 6.08 7.80 29.66
C GLU B 90 5.90 8.15 28.18
N LEU B 91 4.67 8.47 27.78
CA LEU B 91 4.38 8.80 26.39
C LEU B 91 4.80 10.23 26.07
N GLU B 92 5.09 10.48 24.80
CA GLU B 92 5.47 11.81 24.37
C GLU B 92 4.28 12.59 23.84
N GLY B 93 3.19 11.89 23.53
CA GLY B 93 2.00 12.55 22.99
C GLY B 93 1.06 13.05 24.09
N ASP B 94 0.08 13.86 23.71
CA ASP B 94 -0.92 14.36 24.64
C ASP B 94 -2.15 13.47 24.64
N LEU B 95 -2.54 13.02 25.83
CA LEU B 95 -3.77 12.25 26.00
C LEU B 95 -4.91 13.19 26.35
N MET B 96 -6.10 12.89 25.84
CA MET B 96 -7.27 13.71 26.10
C MET B 96 -8.48 12.84 26.33
N LEU B 97 -9.24 13.18 27.38
CA LEU B 97 -10.47 12.50 27.70
C LEU B 97 -11.55 13.11 26.81
N GLN B 98 -12.06 12.35 25.86
CA GLN B 98 -13.07 12.88 24.94
C GLN B 98 -13.81 11.79 24.19
N ASP B 99 -14.93 12.18 23.61
CA ASP B 99 -15.85 11.25 22.98
C ASP B 99 -15.92 11.52 21.49
N MET B 100 -15.30 10.64 20.70
CA MET B 100 -15.20 10.81 19.25
C MET B 100 -16.55 11.05 18.58
N GLY B 101 -17.62 10.54 19.18
CA GLY B 101 -18.95 10.72 18.62
C GLY B 101 -19.47 12.15 18.71
N THR B 102 -18.87 12.97 19.56
CA THR B 102 -19.29 14.36 19.70
C THR B 102 -18.56 15.28 18.72
N GLY B 103 -17.61 14.73 17.98
CA GLY B 103 -16.84 15.51 17.03
C GLY B 103 -15.37 15.62 17.37
N ILE B 104 -14.58 16.08 16.41
CA ILE B 104 -13.14 16.23 16.60
C ILE B 104 -12.88 17.70 16.93
N PRO B 105 -12.47 17.98 18.18
CA PRO B 105 -12.42 19.34 18.71
C PRO B 105 -11.12 20.07 18.33
N PHE B 106 -10.75 20.03 17.05
CA PHE B 106 -9.58 20.77 16.59
C PHE B 106 -9.94 21.61 15.39
N ARG B 107 -9.21 22.72 15.24
CA ARG B 107 -9.48 23.65 14.15
C ARG B 107 -9.14 23.06 12.80
N ALA B 108 -9.70 23.70 11.76
CA ALA B 108 -9.61 23.21 10.39
C ALA B 108 -8.17 23.00 9.96
N GLY B 109 -7.89 21.85 9.34
CA GLY B 109 -6.57 21.63 8.76
C GLY B 109 -5.45 21.41 9.76
N SER B 110 -5.81 21.06 11.00
CA SER B 110 -4.79 20.85 12.05
C SER B 110 -3.83 19.70 11.69
N PHE B 111 -4.38 18.52 11.39
CA PHE B 111 -3.54 17.30 11.28
C PHE B 111 -3.15 16.86 9.90
N ASP B 112 -1.95 16.28 9.80
CA ASP B 112 -1.52 15.61 8.57
C ASP B 112 -2.35 14.37 8.32
N ALA B 113 -2.71 13.67 9.40
CA ALA B 113 -3.34 12.36 9.28
C ALA B 113 -3.97 11.94 10.59
N ALA B 114 -4.79 10.90 10.52
CA ALA B 114 -5.37 10.34 11.71
C ALA B 114 -5.30 8.83 11.62
N ILE B 115 -5.20 8.20 12.78
CA ILE B 115 -5.13 6.75 12.85
C ILE B 115 -6.06 6.30 13.97
N SER B 116 -6.65 5.12 13.81
CA SER B 116 -7.53 4.60 14.84
C SER B 116 -7.45 3.10 14.86
N ILE B 117 -7.09 2.55 16.01
CA ILE B 117 -7.02 1.10 16.15
C ILE B 117 -8.10 0.57 17.12
N SER B 118 -9.01 -0.25 16.58
CA SER B 118 -9.96 -1.06 17.36
C SER B 118 -11.00 -0.23 18.11
N ALA B 119 -11.38 0.91 17.55
CA ALA B 119 -12.15 1.88 18.31
C ALA B 119 -13.42 2.38 17.63
N ILE B 120 -13.40 2.57 16.31
CA ILE B 120 -14.50 3.31 15.71
C ILE B 120 -15.84 2.59 15.73
N GLN B 121 -15.83 1.26 15.85
CA GLN B 121 -17.08 0.49 15.85
C GLN B 121 -17.97 0.96 17.02
N TRP B 122 -17.35 1.59 18.01
CA TRP B 122 -18.05 2.19 19.14
CA TRP B 122 -18.08 2.17 19.13
C TRP B 122 -19.07 3.25 18.70
N LEU B 123 -18.78 3.93 17.59
CA LEU B 123 -19.70 4.93 17.03
C LEU B 123 -21.08 4.31 16.72
N CSO B 124 -21.09 3.00 16.50
CA CSO B 124 -22.30 2.32 16.09
CB CSO B 124 -21.96 1.11 15.22
SG CSO B 124 -21.35 1.60 13.59
C CSO B 124 -23.15 1.89 17.30
O CSO B 124 -24.18 1.23 17.14
N ASN B 125 -22.70 2.29 18.48
CA ASN B 125 -23.37 1.89 19.71
C ASN B 125 -24.32 2.94 20.27
N ASP B 132 -27.85 9.16 18.87
CA ASP B 132 -28.17 8.34 17.70
C ASP B 132 -26.93 7.97 16.88
N PRO B 133 -26.69 6.66 16.67
CA PRO B 133 -25.48 6.17 16.00
C PRO B 133 -25.22 6.80 14.63
N LYS B 134 -26.25 6.93 13.80
CA LYS B 134 -26.03 7.46 12.46
C LYS B 134 -25.66 8.94 12.52
N GLN B 135 -26.18 9.64 13.52
CA GLN B 135 -25.86 11.04 13.72
C GLN B 135 -24.45 11.21 14.26
N ARG B 136 -24.06 10.33 15.18
CA ARG B 136 -22.72 10.36 15.78
C ARG B 136 -21.66 10.00 14.74
N LEU B 137 -22.00 9.04 13.88
CA LEU B 137 -21.16 8.62 12.78
C LEU B 137 -20.90 9.79 11.81
N MET B 138 -21.95 10.55 11.51
CA MET B 138 -21.79 11.70 10.62
C MET B 138 -21.03 12.85 11.31
N ARG B 139 -21.33 13.07 12.60
CA ARG B 139 -20.61 14.08 13.37
C ARG B 139 -19.12 13.74 13.38
N PHE B 140 -18.82 12.47 13.64
CA PHE B 140 -17.42 12.01 13.59
C PHE B 140 -16.78 12.30 12.22
N PHE B 141 -17.38 11.81 11.14
CA PHE B 141 -16.73 11.99 9.84
C PHE B 141 -16.67 13.42 9.31
N ASN B 142 -17.73 14.20 9.52
CA ASN B 142 -17.71 15.59 9.12
C ASN B 142 -16.62 16.38 9.84
N THR B 143 -16.49 16.21 11.14
CA THR B 143 -15.54 17.03 11.88
C THR B 143 -14.11 16.52 11.67
N LEU B 144 -13.96 15.23 11.41
CA LEU B 144 -12.64 14.69 11.08
C LEU B 144 -12.16 15.21 9.72
N TYR B 145 -13.07 15.20 8.74
CA TYR B 145 -12.77 15.77 7.44
C TYR B 145 -12.24 17.20 7.62
N ALA B 146 -12.92 17.97 8.46
CA ALA B 146 -12.52 19.36 8.70
C ALA B 146 -11.14 19.48 9.38
N ALA B 147 -10.91 18.64 10.38
CA ALA B 147 -9.69 18.69 11.18
C ALA B 147 -8.41 18.22 10.44
N LEU B 148 -8.58 17.50 9.35
CA LEU B 148 -7.43 17.08 8.55
C LEU B 148 -7.04 18.19 7.56
N LYS B 149 -5.74 18.34 7.32
CA LYS B 149 -5.29 19.17 6.20
C LYS B 149 -5.90 18.62 4.90
N LYS B 150 -5.93 19.43 3.86
CA LYS B 150 -6.45 18.98 2.58
C LYS B 150 -5.58 17.84 2.09
N GLY B 151 -6.21 16.76 1.64
CA GLY B 151 -5.47 15.59 1.23
C GLY B 151 -5.03 14.72 2.41
N GLY B 152 -5.37 15.13 3.64
CA GLY B 152 -5.00 14.36 4.82
C GLY B 152 -5.61 12.97 4.75
N LYS B 153 -4.97 12.01 5.43
CA LYS B 153 -5.43 10.62 5.35
C LYS B 153 -5.94 10.11 6.68
N PHE B 154 -6.79 9.09 6.63
CA PHE B 154 -7.28 8.45 7.82
C PHE B 154 -7.31 6.95 7.57
N VAL B 155 -6.67 6.19 8.46
CA VAL B 155 -6.77 4.74 8.39
C VAL B 155 -7.26 4.24 9.74
N ALA B 156 -8.33 3.47 9.71
CA ALA B 156 -8.86 2.90 10.94
C ALA B 156 -9.01 1.39 10.82
N GLN B 157 -8.35 0.65 11.73
CA GLN B 157 -8.69 -0.77 11.89
C GLN B 157 -9.89 -0.87 12.82
N PHE B 158 -10.85 -1.71 12.48
CA PHE B 158 -12.05 -1.84 13.30
C PHE B 158 -12.64 -3.24 13.17
N TYR B 159 -13.45 -3.61 14.17
CA TYR B 159 -14.08 -4.91 14.19
C TYR B 159 -15.57 -4.74 13.95
N PRO B 160 -16.01 -4.88 12.69
CA PRO B 160 -17.43 -4.73 12.37
C PRO B 160 -18.22 -5.95 12.85
N LYS B 161 -19.48 -5.75 13.22
CA LYS B 161 -20.33 -6.87 13.64
C LYS B 161 -20.90 -7.60 12.45
N ASN B 162 -21.07 -6.86 11.35
CA ASN B 162 -21.68 -7.42 10.15
C ASN B 162 -21.40 -6.52 8.95
N ASP B 163 -21.79 -6.97 7.77
CA ASP B 163 -21.55 -6.20 6.55
C ASP B 163 -22.28 -4.85 6.51
N ASP B 164 -23.50 -4.82 7.04
CA ASP B 164 -24.28 -3.59 7.06
C ASP B 164 -23.55 -2.52 7.85
N GLN B 165 -22.89 -2.93 8.92
CA GLN B 165 -22.14 -2.01 9.75
C GLN B 165 -20.99 -1.41 8.94
N VAL B 166 -20.31 -2.27 8.17
CA VAL B 166 -19.22 -1.82 7.32
C VAL B 166 -19.72 -0.80 6.30
N ASP B 167 -20.88 -1.09 5.71
CA ASP B 167 -21.42 -0.26 4.64
C ASP B 167 -21.89 1.08 5.19
N ASP B 168 -22.52 1.03 6.36
CA ASP B 168 -22.94 2.24 7.04
C ASP B 168 -21.76 3.17 7.33
N ILE B 169 -20.66 2.60 7.81
CA ILE B 169 -19.49 3.41 8.12
C ILE B 169 -18.89 4.01 6.85
N LEU B 170 -18.71 3.16 5.85
CA LEU B 170 -18.18 3.60 4.56
C LEU B 170 -19.07 4.66 3.90
N GLN B 171 -20.38 4.47 4.00
CA GLN B 171 -21.32 5.42 3.41
C GLN B 171 -21.20 6.77 4.12
N SER B 172 -21.07 6.75 5.44
CA SER B 172 -20.94 8.00 6.22
C SER B 172 -19.66 8.74 5.85
N ALA B 173 -18.56 8.01 5.74
CA ALA B 173 -17.30 8.60 5.30
C ALA B 173 -17.47 9.24 3.92
N LYS B 174 -18.16 8.55 3.03
CA LYS B 174 -18.37 9.04 1.67
C LYS B 174 -19.12 10.38 1.66
N VAL B 175 -20.25 10.41 2.37
CA VAL B 175 -21.06 11.63 2.45
C VAL B 175 -20.24 12.80 3.01
N ALA B 176 -19.34 12.49 3.95
CA ALA B 176 -18.53 13.52 4.57
C ALA B 176 -17.48 14.09 3.62
N GLY B 177 -17.25 13.40 2.51
CA GLY B 177 -16.31 13.89 1.51
C GLY B 177 -15.04 13.05 1.36
N PHE B 178 -14.91 11.97 2.13
CA PHE B 178 -13.72 11.12 2.02
C PHE B 178 -13.77 10.24 0.78
N SER B 179 -12.61 10.01 0.18
CA SER B 179 -12.50 8.99 -0.86
C SER B 179 -11.61 7.84 -0.36
N GLY B 180 -11.55 6.76 -1.14
CA GLY B 180 -10.74 5.62 -0.77
C GLY B 180 -11.61 4.39 -0.65
N GLY B 181 -11.31 3.55 0.34
CA GLY B 181 -12.04 2.30 0.49
C GLY B 181 -11.57 1.41 1.62
N LEU B 182 -11.63 0.11 1.37
CA LEU B 182 -11.46 -0.87 2.42
C LEU B 182 -10.35 -1.85 2.08
N VAL B 183 -9.54 -2.19 3.09
CA VAL B 183 -8.57 -3.27 2.97
C VAL B 183 -8.92 -4.35 3.97
N VAL B 184 -8.95 -5.61 3.53
CA VAL B 184 -9.20 -6.71 4.43
C VAL B 184 -8.00 -7.66 4.38
N ASP B 185 -7.23 -7.72 5.45
CA ASP B 185 -6.11 -8.67 5.50
C ASP B 185 -6.57 -10.04 5.95
N ASP B 186 -5.87 -11.07 5.47
CA ASP B 186 -6.19 -12.47 5.79
C ASP B 186 -7.69 -12.77 5.80
N PRO B 187 -8.40 -12.40 4.72
CA PRO B 187 -9.87 -12.45 4.74
C PRO B 187 -10.43 -13.86 4.77
N GLU B 188 -9.62 -14.87 4.43
CA GLU B 188 -10.04 -16.26 4.46
C GLU B 188 -10.01 -16.80 5.89
N SER B 189 -9.33 -16.08 6.78
CA SER B 189 -9.13 -16.54 8.15
C SER B 189 -10.21 -15.96 9.08
N LYS B 190 -11.01 -16.82 9.70
CA LYS B 190 -12.02 -16.35 10.63
C LYS B 190 -11.40 -15.85 11.94
N LYS B 191 -10.25 -16.43 12.31
CA LYS B 191 -9.49 -15.96 13.47
C LYS B 191 -8.75 -14.64 13.20
N ASN B 192 -8.01 -14.57 12.08
CA ASN B 192 -7.03 -13.52 11.86
C ASN B 192 -7.45 -12.39 10.90
N LYS B 193 -8.66 -12.45 10.39
CA LYS B 193 -9.14 -11.43 9.43
C LYS B 193 -9.18 -10.03 10.05
N LYS B 194 -8.63 -9.04 9.36
CA LYS B 194 -8.68 -7.65 9.84
C LYS B 194 -9.13 -6.64 8.77
N TYR B 195 -9.96 -5.69 9.19
CA TYR B 195 -10.53 -4.67 8.30
C TYR B 195 -9.89 -3.32 8.56
N TYR B 196 -9.47 -2.64 7.50
CA TYR B 196 -8.88 -1.32 7.60
C TYR B 196 -9.62 -0.39 6.65
N LEU B 197 -10.21 0.64 7.22
CA LEU B 197 -10.77 1.72 6.45
C LEU B 197 -9.58 2.54 5.98
N VAL B 198 -9.46 2.81 4.66
CA VAL B 198 -8.34 3.62 4.18
C VAL B 198 -8.87 4.80 3.36
N LEU B 199 -8.82 5.99 3.95
CA LEU B 199 -9.50 7.18 3.43
C LEU B 199 -8.59 8.38 3.23
N SER B 200 -8.99 9.26 2.32
CA SER B 200 -8.25 10.50 2.06
C SER B 200 -9.27 11.64 1.99
N SER B 201 -8.90 12.83 2.46
CA SER B 201 -9.82 13.97 2.44
C SER B 201 -9.72 14.78 1.13
N MET C 1 8.46 -15.39 -30.41
CA MET C 1 8.79 -15.64 -29.02
C MET C 1 10.26 -15.32 -28.77
N LYS C 2 10.54 -14.47 -27.79
CA LYS C 2 11.92 -14.07 -27.52
C LYS C 2 12.74 -15.22 -26.96
N PHE C 3 14.04 -15.20 -27.25
CA PHE C 3 14.96 -16.18 -26.70
C PHE C 3 14.90 -16.24 -25.16
N LEU C 4 14.79 -15.06 -24.52
CA LEU C 4 14.68 -15.01 -23.06
C LEU C 4 13.57 -15.94 -22.54
N THR C 5 12.47 -15.99 -23.29
CA THR C 5 11.30 -16.77 -22.90
C THR C 5 11.63 -18.27 -22.89
N THR C 6 12.53 -18.69 -23.79
CA THR C 6 12.98 -20.10 -23.78
C THR C 6 13.68 -20.47 -22.48
N ASN C 7 14.18 -19.47 -21.74
CA ASN C 7 14.88 -19.75 -20.48
C ASN C 7 13.94 -19.89 -19.29
N PHE C 8 12.64 -19.80 -19.54
CA PHE C 8 11.65 -19.91 -18.46
C PHE C 8 10.49 -20.87 -18.75
N LEU C 9 10.09 -20.95 -20.02
CA LEU C 9 8.98 -21.79 -20.43
C LEU C 9 9.30 -23.27 -20.23
N LYS C 10 8.40 -23.98 -19.57
CA LYS C 10 8.58 -25.43 -19.33
C LYS C 10 7.39 -26.19 -19.93
N CYS C 11 7.44 -27.52 -19.91
CA CYS C 11 6.32 -28.29 -20.46
C CYS C 11 5.04 -28.03 -19.68
N SER C 12 3.94 -27.90 -20.41
CA SER C 12 2.64 -27.67 -19.78
C SER C 12 1.90 -28.93 -19.27
N VAL C 13 2.40 -30.13 -19.57
CA VAL C 13 1.65 -31.33 -19.15
C VAL C 13 1.86 -31.63 -17.67
N LYS C 14 0.75 -31.86 -16.96
CA LYS C 14 0.77 -32.02 -15.51
C LYS C 14 1.75 -33.11 -15.05
N ALA C 15 1.75 -34.24 -15.75
CA ALA C 15 2.61 -35.38 -15.39
C ALA C 15 4.11 -35.04 -15.44
N CYS C 16 4.46 -33.93 -16.06
CA CYS C 16 5.87 -33.54 -16.15
C CYS C 16 6.30 -32.59 -15.06
N ASP C 17 5.37 -32.21 -14.18
CA ASP C 17 5.66 -31.26 -13.11
C ASP C 17 6.87 -31.68 -12.27
N THR C 18 7.01 -32.98 -12.03
CA THR C 18 8.05 -33.49 -11.14
C THR C 18 9.36 -33.71 -11.89
N SER C 19 9.28 -33.74 -13.21
CA SER C 19 10.43 -34.12 -14.02
C SER C 19 11.43 -32.99 -14.24
N ASN C 20 12.70 -33.27 -13.99
CA ASN C 20 13.78 -32.34 -14.26
C ASN C 20 14.06 -32.18 -15.75
N ASP C 21 13.30 -32.91 -16.57
CA ASP C 21 13.40 -32.77 -18.02
C ASP C 21 12.24 -32.00 -18.64
N ASN C 22 11.41 -31.37 -17.80
CA ASN C 22 10.31 -30.54 -18.31
C ASN C 22 10.83 -29.18 -18.79
N PHE C 23 12.10 -28.90 -18.47
CA PHE C 23 12.75 -27.63 -18.79
C PHE C 23 14.27 -27.79 -19.04
N PRO C 24 14.81 -27.10 -20.07
CA PRO C 24 14.05 -26.29 -21.03
C PRO C 24 13.40 -27.19 -22.06
N LEU C 25 12.52 -26.65 -22.88
CA LEU C 25 12.00 -27.40 -24.02
C LEU C 25 13.12 -27.54 -25.06
N GLN C 26 12.96 -28.48 -25.99
CA GLN C 26 14.00 -28.72 -26.98
C GLN C 26 13.60 -28.12 -28.31
N TYR C 27 14.33 -27.09 -28.74
CA TYR C 27 13.94 -26.32 -29.91
C TYR C 27 14.52 -26.93 -31.18
N ASP C 28 13.67 -27.05 -32.22
CA ASP C 28 14.06 -27.63 -33.50
C ASP C 28 14.66 -26.53 -34.37
N GLY C 29 15.98 -26.38 -34.30
CA GLY C 29 16.68 -25.36 -35.08
C GLY C 29 16.46 -25.53 -36.58
N SER C 30 16.33 -26.77 -37.03
CA SER C 30 16.03 -27.02 -38.43
C SER C 30 14.66 -26.44 -38.81
N LYS C 31 13.79 -26.28 -37.83
CA LYS C 31 12.45 -25.74 -38.07
C LYS C 31 12.23 -24.30 -37.58
N CYS C 32 13.09 -23.82 -36.69
CA CYS C 32 12.83 -22.50 -36.09
C CYS C 32 13.39 -21.34 -36.89
N GLN C 33 12.48 -20.50 -37.39
CA GLN C 33 12.85 -19.29 -38.12
C GLN C 33 13.03 -18.10 -37.18
N LEU C 34 14.26 -17.60 -37.09
CA LEU C 34 14.61 -16.52 -36.17
C LEU C 34 14.54 -15.13 -36.82
N VAL C 35 14.22 -14.13 -36.00
CA VAL C 35 14.24 -12.74 -36.44
C VAL C 35 14.86 -11.85 -35.35
N GLN C 36 15.44 -10.73 -35.78
CA GLN C 36 16.06 -9.81 -34.84
C GLN C 36 15.38 -8.45 -34.88
N ASP C 37 14.67 -8.12 -33.81
CA ASP C 37 14.03 -6.82 -33.68
C ASP C 37 14.91 -5.90 -32.84
N GLU C 38 15.45 -4.86 -33.49
CA GLU C 38 16.24 -3.85 -32.81
C GLU C 38 15.31 -2.80 -32.18
N SER C 39 14.01 -3.00 -32.38
CA SER C 39 13.00 -2.10 -31.85
C SER C 39 12.95 -2.12 -30.33
N ILE C 40 13.26 -3.26 -29.73
CA ILE C 40 13.35 -3.35 -28.27
C ILE C 40 14.65 -2.72 -27.81
N GLU C 41 14.55 -1.54 -27.19
CA GLU C 41 15.73 -0.78 -26.78
C GLU C 41 16.48 -1.42 -25.63
N PHE C 42 17.81 -1.35 -25.70
CA PHE C 42 18.69 -1.84 -24.65
C PHE C 42 18.30 -1.32 -23.26
N ASN C 43 18.01 -2.25 -22.34
CA ASN C 43 17.59 -1.88 -20.99
C ASN C 43 18.44 -2.61 -19.95
N PRO C 44 19.59 -2.03 -19.59
CA PRO C 44 20.56 -2.65 -18.68
C PRO C 44 19.97 -2.90 -17.28
N GLU C 45 19.11 -2.02 -16.81
CA GLU C 45 18.44 -2.20 -15.53
C GLU C 45 17.68 -3.53 -15.48
N PHE C 46 16.89 -3.82 -16.51
CA PHE C 46 16.16 -5.09 -16.53
C PHE C 46 17.13 -6.27 -16.55
N LEU C 47 18.19 -6.15 -17.34
CA LEU C 47 19.18 -7.22 -17.45
C LEU C 47 19.86 -7.51 -16.13
N LEU C 48 20.24 -6.46 -15.41
CA LEU C 48 20.79 -6.65 -14.07
C LEU C 48 19.78 -7.28 -13.13
N ASN C 49 18.51 -6.93 -13.31
CA ASN C 49 17.41 -7.45 -12.48
C ASN C 49 17.12 -8.94 -12.76
N ILE C 50 17.39 -9.40 -13.98
CA ILE C 50 17.01 -10.76 -14.40
C ILE C 50 18.17 -11.76 -14.36
N VAL C 51 19.40 -11.24 -14.40
CA VAL C 51 20.57 -12.09 -14.69
C VAL C 51 20.79 -13.24 -13.69
N ASP C 52 20.61 -12.97 -12.39
CA ASP C 52 20.82 -14.00 -11.38
C ASP C 52 19.89 -15.20 -11.57
N ARG C 53 18.67 -14.96 -12.04
CA ARG C 53 17.70 -16.04 -12.15
C ARG C 53 17.77 -16.74 -13.50
N VAL C 54 18.52 -16.16 -14.44
CA VAL C 54 18.69 -16.79 -15.74
C VAL C 54 19.42 -18.12 -15.55
N ASP C 55 18.94 -19.16 -16.24
CA ASP C 55 19.61 -20.46 -16.13
C ASP C 55 20.63 -20.60 -17.25
N TRP C 56 21.91 -20.39 -16.93
CA TRP C 56 22.94 -20.41 -17.98
C TRP C 56 23.04 -21.74 -18.76
N PRO C 57 22.95 -22.90 -18.06
CA PRO C 57 22.97 -24.14 -18.84
C PRO C 57 21.90 -24.18 -19.91
N ALA C 58 20.68 -23.74 -19.57
CA ALA C 58 19.58 -23.73 -20.53
C ALA C 58 19.77 -22.68 -21.65
N VAL C 59 20.42 -21.56 -21.32
CA VAL C 59 20.78 -20.63 -22.39
C VAL C 59 21.67 -21.35 -23.41
N LEU C 60 22.75 -21.96 -22.95
CA LEU C 60 23.70 -22.64 -23.83
C LEU C 60 23.01 -23.72 -24.66
N THR C 61 22.20 -24.53 -23.99
CA THR C 61 21.48 -25.63 -24.66
C THR C 61 20.59 -25.10 -25.78
N VAL C 62 19.70 -24.15 -25.48
CA VAL C 62 18.80 -23.64 -26.50
C VAL C 62 19.54 -22.91 -27.62
N ALA C 63 20.60 -22.18 -27.26
CA ALA C 63 21.39 -21.45 -28.24
C ALA C 63 22.01 -22.42 -29.25
N ALA C 64 22.63 -23.47 -28.73
CA ALA C 64 23.23 -24.50 -29.57
C ALA C 64 22.19 -25.09 -30.50
N GLU C 65 21.01 -25.38 -29.96
CA GLU C 65 19.89 -25.92 -30.73
C GLU C 65 19.49 -24.98 -31.85
N LEU C 66 19.65 -23.68 -31.62
CA LEU C 66 19.28 -22.68 -32.62
C LEU C 66 20.50 -22.35 -33.45
N GLY C 67 21.55 -23.15 -33.29
CA GLY C 67 22.77 -23.01 -34.08
C GLY C 67 23.74 -21.94 -33.60
N ASN C 68 23.65 -21.55 -32.33
CA ASN C 68 24.62 -20.61 -31.75
C ASN C 68 25.59 -21.29 -30.78
N ASN C 69 26.84 -21.44 -31.22
CA ASN C 69 27.84 -22.15 -30.43
C ASN C 69 28.92 -21.22 -29.91
N ALA C 70 28.67 -19.92 -30.05
CA ALA C 70 29.67 -18.92 -29.72
C ALA C 70 29.59 -18.42 -28.27
N LEU C 71 28.64 -18.94 -27.49
CA LEU C 71 28.45 -18.43 -26.14
C LEU C 71 29.48 -18.99 -25.17
N PRO C 72 29.94 -18.15 -24.22
CA PRO C 72 30.89 -18.61 -23.20
C PRO C 72 30.25 -19.61 -22.23
N PRO C 73 31.04 -20.58 -21.73
CA PRO C 73 30.56 -21.67 -20.87
C PRO C 73 30.09 -21.22 -19.49
N THR C 74 30.58 -20.07 -19.04
CA THR C 74 30.19 -19.55 -17.73
C THR C 74 29.37 -18.27 -17.92
N LYS C 75 28.42 -18.03 -17.02
CA LYS C 75 27.56 -16.85 -17.08
C LYS C 75 28.37 -15.59 -16.73
N PRO C 76 28.20 -14.52 -17.53
CA PRO C 76 28.87 -13.25 -17.24
C PRO C 76 28.58 -12.74 -15.82
N SER C 77 29.61 -12.17 -15.19
CA SER C 77 29.49 -11.59 -13.85
C SER C 77 29.23 -10.08 -13.97
N PHE C 78 28.46 -9.55 -13.04
CA PHE C 78 28.19 -8.12 -12.99
C PHE C 78 28.17 -7.62 -11.55
N PRO C 79 28.43 -6.32 -11.35
CA PRO C 79 28.18 -5.68 -10.05
C PRO C 79 26.68 -5.45 -9.84
N SER C 80 26.31 -4.97 -8.66
CA SER C 80 24.91 -4.81 -8.27
C SER C 80 24.12 -3.73 -9.03
N SER C 81 24.73 -2.55 -9.23
CA SER C 81 23.97 -1.42 -9.77
C SER C 81 24.46 -0.92 -11.12
N ILE C 82 23.58 -0.22 -11.84
CA ILE C 82 23.93 0.45 -13.08
C ILE C 82 25.18 1.33 -12.91
N GLN C 83 25.23 2.05 -11.80
CA GLN C 83 26.31 3.01 -11.53
C GLN C 83 27.69 2.38 -11.43
N GLU C 84 27.75 1.08 -11.13
CA GLU C 84 29.03 0.39 -11.00
C GLU C 84 29.46 -0.26 -12.30
N LEU C 85 28.61 -0.15 -13.32
CA LEU C 85 28.89 -0.78 -14.61
C LEU C 85 30.08 -0.15 -15.33
N THR C 86 31.15 -0.94 -15.43
CA THR C 86 32.32 -0.65 -16.23
C THR C 86 31.89 -0.57 -17.71
N ASP C 87 32.69 0.04 -18.58
CA ASP C 87 32.32 0.13 -19.99
C ASP C 87 32.35 -1.23 -20.69
N ASP C 88 33.27 -2.09 -20.27
CA ASP C 88 33.31 -3.47 -20.75
C ASP C 88 32.05 -4.24 -20.34
N ASP C 89 31.61 -4.03 -19.10
CA ASP C 89 30.36 -4.62 -18.60
C ASP C 89 29.17 -4.21 -19.48
N MET C 90 29.12 -2.94 -19.85
CA MET C 90 28.03 -2.42 -20.65
C MET C 90 28.01 -3.08 -22.02
N ALA C 91 29.20 -3.37 -22.54
CA ALA C 91 29.31 -4.08 -23.80
C ALA C 91 28.71 -5.47 -23.67
N ILE C 92 29.07 -6.17 -22.60
CA ILE C 92 28.57 -7.53 -22.37
C ILE C 92 27.04 -7.53 -22.17
N LEU C 93 26.54 -6.64 -21.31
CA LEU C 93 25.09 -6.50 -21.10
C LEU C 93 24.37 -6.30 -22.42
N ASN C 94 24.96 -5.48 -23.29
CA ASN C 94 24.35 -5.22 -24.57
C ASN C 94 24.32 -6.47 -25.45
N ASP C 95 25.35 -7.31 -25.33
CA ASP C 95 25.34 -8.58 -26.06
C ASP C 95 24.23 -9.47 -25.51
N LEU C 96 24.13 -9.54 -24.19
CA LEU C 96 23.03 -10.28 -23.55
C LEU C 96 21.67 -9.74 -24.04
N HIS C 97 21.56 -8.42 -24.18
CA HIS C 97 20.31 -7.82 -24.65
C HIS C 97 19.99 -8.30 -26.07
N THR C 98 20.99 -8.24 -26.95
CA THR C 98 20.84 -8.72 -28.32
C THR C 98 20.38 -10.18 -28.33
N LEU C 99 21.08 -11.00 -27.55
CA LEU C 99 20.75 -12.42 -27.48
C LEU C 99 19.35 -12.66 -26.89
N LEU C 100 19.10 -12.13 -25.71
CA LEU C 100 17.90 -12.47 -24.94
C LEU C 100 16.63 -11.74 -25.37
N LEU C 101 16.72 -10.42 -25.58
CA LEU C 101 15.51 -9.62 -25.84
C LEU C 101 15.24 -9.36 -27.34
N GLN C 102 16.30 -9.20 -28.14
CA GLN C 102 16.12 -8.77 -29.51
C GLN C 102 15.95 -9.93 -30.50
N THR C 103 16.36 -11.13 -30.08
CA THR C 103 16.25 -12.29 -30.95
C THR C 103 14.98 -13.08 -30.64
N SER C 104 14.19 -13.36 -31.68
CA SER C 104 12.91 -14.03 -31.53
C SER C 104 12.72 -15.21 -32.48
N ILE C 105 11.92 -16.17 -32.06
CA ILE C 105 11.44 -17.23 -32.95
C ILE C 105 10.08 -16.83 -33.50
N ALA C 106 10.02 -16.53 -34.80
CA ALA C 106 8.77 -16.13 -35.44
C ALA C 106 7.92 -17.33 -35.81
N GLU C 107 8.58 -18.38 -36.30
CA GLU C 107 7.92 -19.65 -36.60
C GLU C 107 8.85 -20.79 -36.26
N GLY C 108 8.32 -21.79 -35.57
CA GLY C 108 9.14 -22.90 -35.14
C GLY C 108 8.36 -23.90 -34.34
N GLU C 109 9.09 -24.79 -33.67
CA GLU C 109 8.48 -25.79 -32.81
C GLU C 109 9.51 -26.26 -31.81
N MET C 110 9.04 -26.87 -30.73
CA MET C 110 9.91 -27.36 -29.67
C MET C 110 9.20 -28.45 -28.89
N LYS C 111 9.95 -29.35 -28.27
CA LYS C 111 9.31 -30.45 -27.57
C LYS C 111 9.79 -30.61 -26.16
N CYS C 112 8.95 -31.22 -25.32
CA CYS C 112 9.39 -31.63 -24.00
C CYS C 112 10.31 -32.84 -24.07
N ARG C 113 11.42 -32.77 -23.35
CA ARG C 113 12.39 -33.86 -23.30
C ARG C 113 11.89 -35.04 -22.49
N ASN C 114 10.86 -34.83 -21.68
CA ASN C 114 10.34 -35.89 -20.86
C ASN C 114 9.25 -36.68 -21.57
N CYS C 115 8.28 -35.97 -22.14
CA CYS C 115 7.11 -36.63 -22.71
C CYS C 115 7.04 -36.55 -24.23
N GLY C 116 7.88 -35.71 -24.83
CA GLY C 116 7.94 -35.64 -26.28
C GLY C 116 6.87 -34.81 -26.94
N HIS C 117 5.92 -34.28 -26.15
CA HIS C 117 4.89 -33.41 -26.72
C HIS C 117 5.52 -32.24 -27.49
N ILE C 118 4.97 -31.93 -28.65
CA ILE C 118 5.52 -30.87 -29.49
C ILE C 118 4.65 -29.62 -29.46
N TYR C 119 5.28 -28.48 -29.18
CA TYR C 119 4.58 -27.20 -29.17
C TYR C 119 4.93 -26.39 -30.42
N TYR C 120 3.93 -25.75 -31.02
CA TYR C 120 4.15 -24.99 -32.24
C TYR C 120 4.09 -23.48 -32.04
N ILE C 121 5.00 -22.77 -32.69
CA ILE C 121 5.02 -21.31 -32.66
C ILE C 121 4.68 -20.73 -34.04
N LYS C 122 3.60 -19.95 -34.09
CA LYS C 122 3.19 -19.26 -35.32
C LYS C 122 3.01 -17.76 -35.06
N ASN C 123 3.60 -16.94 -35.94
CA ASN C 123 3.62 -15.48 -35.77
C ASN C 123 4.25 -15.07 -34.46
N GLY C 124 5.24 -15.84 -34.01
CA GLY C 124 5.95 -15.54 -32.78
C GLY C 124 5.17 -15.90 -31.52
N ILE C 125 3.99 -16.50 -31.70
CA ILE C 125 3.16 -16.89 -30.57
C ILE C 125 3.08 -18.41 -30.45
N PRO C 126 3.57 -18.96 -29.32
CA PRO C 126 3.48 -20.40 -29.09
C PRO C 126 2.06 -20.82 -28.73
N ASN C 127 1.65 -21.97 -29.25
CA ASN C 127 0.38 -22.57 -28.86
C ASN C 127 0.61 -23.58 -27.74
N LEU C 128 0.11 -23.27 -26.54
CA LEU C 128 0.39 -24.11 -25.38
C LEU C 128 -0.83 -24.91 -24.92
N LEU C 129 -1.86 -24.92 -25.77
CA LEU C 129 -3.08 -25.66 -25.44
C LEU C 129 -2.85 -27.17 -25.49
N LEU C 130 -3.50 -27.89 -24.59
CA LEU C 130 -3.37 -29.34 -24.53
C LEU C 130 -4.69 -30.07 -24.65
N PRO C 131 -4.63 -31.31 -25.19
CA PRO C 131 -5.64 -32.36 -25.01
C PRO C 131 -6.01 -32.50 -23.53
N PRO C 132 -7.30 -32.70 -23.24
CA PRO C 132 -7.84 -32.70 -21.87
C PRO C 132 -7.30 -33.80 -20.97
N HIS C 133 -6.79 -34.88 -21.55
CA HIS C 133 -6.27 -36.00 -20.75
C HIS C 133 -4.87 -35.70 -20.21
N LEU C 134 -4.25 -34.66 -20.75
CA LEU C 134 -2.96 -34.16 -20.27
C LEU C 134 -3.20 -33.06 -19.23
N VAL C 135 -4.45 -33.00 -18.72
CA VAL C 135 -4.99 -31.81 -18.07
C VAL C 135 -4.55 -30.52 -18.78
N SER D 25 -16.46 -0.48 -25.80
CA SER D 25 -15.15 -0.91 -26.26
C SER D 25 -14.10 0.20 -26.29
N THR D 26 -14.53 1.43 -26.01
CA THR D 26 -13.59 2.48 -25.60
C THR D 26 -13.96 2.76 -24.16
N ARG D 27 -15.22 2.45 -23.84
CA ARG D 27 -15.70 2.46 -22.46
C ARG D 27 -14.88 1.47 -21.65
N VAL D 28 -15.06 0.18 -21.96
CA VAL D 28 -14.40 -0.88 -21.21
C VAL D 28 -12.89 -0.89 -21.43
N GLN D 29 -12.44 -0.31 -22.54
CA GLN D 29 -11.01 -0.17 -22.80
C GLN D 29 -10.43 0.87 -21.84
N HIS D 30 -11.25 1.87 -21.51
CA HIS D 30 -10.86 2.86 -20.51
C HIS D 30 -10.91 2.27 -19.10
N ILE D 31 -11.92 1.44 -18.84
CA ILE D 31 -12.05 0.78 -17.54
C ILE D 31 -10.84 -0.13 -17.27
N GLN D 32 -10.52 -0.98 -18.25
CA GLN D 32 -9.41 -1.92 -18.11
C GLN D 32 -8.06 -1.22 -17.97
N ALA D 33 -7.88 -0.09 -18.66
CA ALA D 33 -6.63 0.65 -18.50
C ALA D 33 -6.52 1.17 -17.08
N LYS D 34 -7.63 1.67 -16.55
CA LYS D 34 -7.65 2.23 -15.20
C LYS D 34 -7.40 1.14 -14.14
N MET D 35 -8.02 -0.01 -14.34
CA MET D 35 -7.85 -1.11 -13.40
C MET D 35 -6.43 -1.66 -13.46
N THR D 36 -5.83 -1.58 -14.66
CA THR D 36 -4.45 -2.03 -14.83
C THR D 36 -3.51 -1.13 -14.05
N LEU D 37 -3.65 0.19 -14.22
CA LEU D 37 -2.88 1.18 -13.49
C LEU D 37 -3.06 1.02 -11.99
N ARG D 38 -4.30 0.80 -11.58
CA ARG D 38 -4.59 0.59 -10.17
C ARG D 38 -3.97 -0.71 -9.68
N ALA D 39 -3.99 -1.75 -10.50
CA ALA D 39 -3.37 -3.01 -10.12
C ALA D 39 -1.86 -2.85 -9.98
N LEU D 40 -1.25 -2.07 -10.88
CA LEU D 40 0.19 -1.85 -10.88
C LEU D 40 0.57 -1.01 -9.67
N GLU D 41 -0.28 -0.06 -9.35
CA GLU D 41 -0.08 0.76 -8.16
C GLU D 41 -0.05 -0.17 -6.94
N LEU D 42 -1.00 -1.10 -6.88
CA LEU D 42 -1.07 -2.06 -5.77
C LEU D 42 0.11 -3.02 -5.74
N LEU D 43 0.63 -3.40 -6.90
CA LEU D 43 1.83 -4.24 -6.96
C LEU D 43 3.06 -3.53 -6.36
N ASN D 44 3.13 -2.21 -6.53
CA ASN D 44 4.24 -1.41 -6.00
C ASN D 44 5.62 -1.95 -6.41
N LEU D 45 5.84 -2.09 -7.71
CA LEU D 45 7.04 -2.78 -8.21
C LEU D 45 8.18 -1.80 -8.45
N GLN D 46 9.41 -2.27 -8.28
CA GLN D 46 10.56 -1.53 -8.81
C GLN D 46 10.49 -1.57 -10.34
N PRO D 47 10.98 -0.52 -11.00
CA PRO D 47 10.86 -0.51 -12.46
C PRO D 47 11.70 -1.62 -13.11
N CYS D 48 11.42 -1.91 -14.38
CA CYS D 48 12.11 -2.98 -15.09
C CYS D 48 11.99 -4.35 -14.40
N SER D 49 10.78 -4.68 -13.96
CA SER D 49 10.53 -6.00 -13.40
C SER D 49 10.10 -6.97 -14.50
N PHE D 50 10.08 -8.27 -14.17
CA PHE D 50 9.70 -9.31 -15.11
C PHE D 50 8.33 -9.82 -14.67
N ILE D 51 7.32 -9.60 -15.50
CA ILE D 51 5.93 -9.75 -15.05
C ILE D 51 5.15 -10.69 -15.96
N LEU D 52 4.26 -11.47 -15.36
CA LEU D 52 3.37 -12.35 -16.10
C LEU D 52 1.97 -11.73 -16.11
N ASP D 53 1.44 -11.44 -17.32
CA ASP D 53 0.10 -10.86 -17.45
C ASP D 53 -0.87 -11.97 -17.85
N ILE D 54 -1.77 -12.30 -16.92
CA ILE D 54 -2.58 -13.52 -17.03
C ILE D 54 -3.98 -13.19 -17.52
N GLY D 55 -4.35 -13.76 -18.67
CA GLY D 55 -5.57 -13.36 -19.35
C GLY D 55 -5.36 -11.98 -19.94
N CYS D 56 -4.32 -11.83 -20.74
CA CYS D 56 -3.89 -10.51 -21.22
C CYS D 56 -4.78 -9.93 -22.32
N GLY D 57 -5.79 -10.68 -22.76
CA GLY D 57 -6.63 -10.24 -23.87
C GLY D 57 -5.79 -9.81 -25.07
N SER D 58 -6.00 -8.58 -25.56
CA SER D 58 -5.28 -8.08 -26.72
C SER D 58 -4.09 -7.19 -26.34
N GLY D 59 -3.57 -7.37 -25.13
CA GLY D 59 -2.33 -6.73 -24.74
C GLY D 59 -2.45 -5.28 -24.32
N LEU D 60 -3.68 -4.80 -24.08
CA LEU D 60 -3.86 -3.44 -23.55
C LEU D 60 -3.12 -3.29 -22.21
N SER D 61 -3.33 -4.26 -21.32
CA SER D 61 -2.68 -4.23 -20.01
C SER D 61 -1.15 -4.25 -20.17
N GLY D 62 -0.66 -5.10 -21.07
CA GLY D 62 0.77 -5.20 -21.33
C GLY D 62 1.47 -3.93 -21.82
N GLU D 63 0.84 -3.15 -22.69
CA GLU D 63 1.53 -1.93 -23.11
C GLU D 63 1.57 -0.90 -21.99
N ILE D 64 0.59 -0.99 -21.07
CA ILE D 64 0.68 -0.20 -19.85
C ILE D 64 1.88 -0.63 -19.01
N LEU D 65 2.10 -1.94 -18.89
CA LEU D 65 3.28 -2.44 -18.16
C LEU D 65 4.59 -1.86 -18.74
N THR D 66 4.71 -1.90 -20.06
CA THR D 66 5.86 -1.35 -20.75
C THR D 66 5.98 0.16 -20.49
N GLN D 67 4.90 0.88 -20.70
CA GLN D 67 4.91 2.33 -20.59
C GLN D 67 5.14 2.85 -19.16
N GLU D 68 4.48 2.22 -18.20
CA GLU D 68 4.52 2.74 -16.83
C GLU D 68 5.81 2.43 -16.06
N GLY D 69 6.40 1.25 -16.28
CA GLY D 69 7.58 0.87 -15.52
C GLY D 69 8.73 0.29 -16.31
N ASP D 70 8.64 0.34 -17.64
CA ASP D 70 9.63 -0.29 -18.51
C ASP D 70 9.79 -1.77 -18.14
N HIS D 71 8.68 -2.40 -17.73
CA HIS D 71 8.71 -3.82 -17.39
C HIS D 71 8.71 -4.71 -18.63
N VAL D 72 9.29 -5.90 -18.48
CA VAL D 72 9.25 -6.91 -19.52
C VAL D 72 8.23 -7.96 -19.08
N TRP D 73 7.38 -8.37 -20.02
CA TRP D 73 6.27 -9.23 -19.65
C TRP D 73 5.97 -10.32 -20.69
N CYS D 74 5.29 -11.35 -20.23
CA CYS D 74 4.71 -12.38 -21.08
C CYS D 74 3.23 -12.31 -20.79
N GLY D 75 2.40 -12.38 -21.82
CA GLY D 75 0.96 -12.40 -21.64
C GLY D 75 0.41 -13.77 -22.01
N LEU D 76 -0.56 -14.26 -21.23
CA LEU D 76 -1.23 -15.53 -21.51
C LEU D 76 -2.71 -15.27 -21.76
N ASP D 77 -3.27 -15.88 -22.80
CA ASP D 77 -4.70 -15.78 -23.05
C ASP D 77 -5.19 -16.95 -23.88
N ILE D 78 -6.45 -17.33 -23.67
CA ILE D 78 -7.01 -18.49 -24.34
C ILE D 78 -7.65 -18.15 -25.68
N SER D 79 -7.72 -16.86 -26.01
CA SER D 79 -8.40 -16.42 -27.25
C SER D 79 -7.46 -16.06 -28.40
N PRO D 80 -7.45 -16.89 -29.46
CA PRO D 80 -6.58 -16.61 -30.59
C PRO D 80 -6.92 -15.27 -31.26
N SER D 81 -8.20 -14.89 -31.24
CA SER D 81 -8.62 -13.63 -31.83
C SER D 81 -8.13 -12.43 -31.02
N MET D 82 -8.13 -12.56 -29.69
CA MET D 82 -7.54 -11.55 -28.82
C MET D 82 -6.03 -11.40 -29.09
N LEU D 83 -5.33 -12.52 -29.18
CA LEU D 83 -3.88 -12.47 -29.41
C LEU D 83 -3.56 -11.90 -30.81
N ALA D 84 -4.36 -12.28 -31.80
CA ALA D 84 -4.25 -11.70 -33.14
C ALA D 84 -4.33 -10.17 -33.07
N THR D 85 -5.33 -9.66 -32.37
CA THR D 85 -5.43 -8.20 -32.16
C THR D 85 -4.18 -7.68 -31.45
N GLY D 86 -3.65 -8.47 -30.51
CA GLY D 86 -2.43 -8.10 -29.82
C GLY D 86 -1.22 -7.95 -30.72
N LEU D 87 -1.10 -8.84 -31.71
CA LEU D 87 -0.04 -8.75 -32.70
C LEU D 87 -0.01 -7.36 -33.36
N SER D 88 -1.18 -6.87 -33.74
CA SER D 88 -1.28 -5.60 -34.47
C SER D 88 -0.83 -4.41 -33.63
N ARG D 89 -0.90 -4.56 -32.30
CA ARG D 89 -0.57 -3.43 -31.42
C ARG D 89 0.93 -3.20 -31.26
N GLU D 90 1.74 -4.04 -31.90
CA GLU D 90 3.21 -3.88 -31.87
C GLU D 90 3.76 -3.91 -30.44
N LEU D 91 3.40 -4.96 -29.69
CA LEU D 91 3.78 -5.05 -28.29
C LEU D 91 5.24 -5.46 -28.09
N GLU D 92 5.81 -5.06 -26.95
CA GLU D 92 7.16 -5.46 -26.59
C GLU D 92 7.17 -6.81 -25.89
N GLY D 93 6.00 -7.27 -25.46
CA GLY D 93 5.91 -8.48 -24.66
C GLY D 93 5.66 -9.69 -25.52
N ASP D 94 5.86 -10.88 -24.95
CA ASP D 94 5.56 -12.11 -25.66
C ASP D 94 4.14 -12.53 -25.38
N LEU D 95 3.41 -12.90 -26.42
CA LEU D 95 2.04 -13.37 -26.27
C LEU D 95 2.02 -14.89 -26.43
N MET D 96 1.11 -15.55 -25.73
CA MET D 96 1.05 -17.00 -25.68
C MET D 96 -0.39 -17.48 -25.62
N LEU D 97 -0.72 -18.46 -26.46
CA LEU D 97 -2.02 -19.12 -26.44
C LEU D 97 -1.95 -20.16 -25.34
N GLN D 98 -2.74 -19.98 -24.29
CA GLN D 98 -2.54 -20.76 -23.08
C GLN D 98 -3.80 -20.75 -22.21
N ASP D 99 -4.03 -21.85 -21.51
CA ASP D 99 -5.19 -21.97 -20.62
C ASP D 99 -4.71 -21.96 -19.17
N MET D 100 -4.85 -20.81 -18.50
CA MET D 100 -4.34 -20.64 -17.14
C MET D 100 -4.94 -21.67 -16.18
N GLY D 101 -6.09 -22.25 -16.57
CA GLY D 101 -6.75 -23.25 -15.77
C GLY D 101 -5.98 -24.55 -15.71
N THR D 102 -5.07 -24.76 -16.67
CA THR D 102 -4.27 -25.96 -16.75
C THR D 102 -2.95 -25.81 -16.01
N GLY D 103 -2.67 -24.59 -15.55
CA GLY D 103 -1.44 -24.34 -14.81
C GLY D 103 -0.57 -23.28 -15.46
N ILE D 104 0.44 -22.82 -14.73
CA ILE D 104 1.32 -21.76 -15.24
C ILE D 104 2.64 -22.40 -15.69
N PRO D 105 2.87 -22.43 -17.02
CA PRO D 105 3.93 -23.23 -17.64
C PRO D 105 5.33 -22.61 -17.59
N PHE D 106 5.77 -22.18 -16.40
CA PHE D 106 7.07 -21.52 -16.26
C PHE D 106 7.80 -22.10 -15.05
N ARG D 107 9.12 -22.23 -15.15
CA ARG D 107 9.87 -22.88 -14.09
C ARG D 107 9.79 -22.09 -12.79
N ALA D 108 10.14 -22.76 -11.70
CA ALA D 108 10.04 -22.16 -10.38
C ALA D 108 10.82 -20.84 -10.31
N GLY D 109 10.19 -19.82 -9.73
CA GLY D 109 10.89 -18.58 -9.45
C GLY D 109 11.06 -17.62 -10.62
N SER D 110 10.35 -17.88 -11.72
CA SER D 110 10.55 -17.12 -12.95
C SER D 110 10.27 -15.63 -12.80
N PHE D 111 9.12 -15.30 -12.24
CA PHE D 111 8.60 -13.92 -12.31
C PHE D 111 8.69 -13.11 -11.01
N ASP D 112 8.91 -11.80 -11.17
CA ASP D 112 8.88 -10.87 -10.04
C ASP D 112 7.46 -10.74 -9.57
N ALA D 113 6.52 -10.81 -10.51
CA ALA D 113 5.13 -10.50 -10.21
C ALA D 113 4.20 -10.98 -11.29
N ALA D 114 2.92 -10.99 -10.96
CA ALA D 114 1.89 -11.36 -11.93
C ALA D 114 0.76 -10.37 -11.79
N ILE D 115 0.03 -10.17 -12.88
CA ILE D 115 -1.08 -9.25 -12.88
C ILE D 115 -2.23 -9.88 -13.66
N SER D 116 -3.47 -9.64 -13.23
CA SER D 116 -4.61 -10.15 -13.96
C SER D 116 -5.80 -9.21 -13.83
N ILE D 117 -6.24 -8.68 -14.96
CA ILE D 117 -7.35 -7.73 -15.00
C ILE D 117 -8.56 -8.41 -15.59
N SER D 118 -9.56 -8.70 -14.75
CA SER D 118 -10.81 -9.28 -15.22
C SER D 118 -10.61 -10.62 -15.93
N ALA D 119 -10.01 -11.59 -15.24
CA ALA D 119 -9.77 -12.90 -15.82
C ALA D 119 -9.97 -14.05 -14.83
N ILE D 120 -9.84 -13.75 -13.54
CA ILE D 120 -10.07 -14.72 -12.49
C ILE D 120 -11.50 -15.23 -12.58
N GLN D 121 -12.43 -14.33 -12.90
CA GLN D 121 -13.83 -14.68 -13.05
C GLN D 121 -14.01 -15.72 -14.16
N TRP D 122 -13.24 -15.57 -15.23
CA TRP D 122 -13.31 -16.49 -16.36
C TRP D 122 -13.04 -17.93 -15.90
N LEU D 123 -12.18 -18.07 -14.89
CA LEU D 123 -11.87 -19.39 -14.34
C LEU D 123 -12.99 -19.87 -13.42
N CSO D 124 -13.79 -18.93 -12.93
CA CSO D 124 -14.87 -19.23 -12.01
CB CSO D 124 -15.06 -18.09 -11.01
SG CSO D 124 -13.96 -18.36 -9.61
C CSO D 124 -16.18 -19.51 -12.74
O CSO D 124 -16.36 -20.60 -13.29
OD CSO D 124 -14.46 -19.81 -8.70
N ASP D 132 -13.84 -28.92 -13.89
CA ASP D 132 -14.16 -28.53 -12.51
C ASP D 132 -13.44 -27.24 -12.11
N PRO D 133 -14.20 -26.16 -11.89
CA PRO D 133 -13.64 -24.82 -11.63
C PRO D 133 -12.79 -24.77 -10.37
N LYS D 134 -13.25 -25.43 -9.30
CA LYS D 134 -12.49 -25.43 -8.05
C LYS D 134 -11.15 -26.15 -8.22
N GLN D 135 -11.13 -27.09 -9.16
CA GLN D 135 -9.91 -27.84 -9.47
C GLN D 135 -8.96 -26.99 -10.31
N ARG D 136 -9.51 -26.35 -11.34
CA ARG D 136 -8.77 -25.43 -12.19
C ARG D 136 -8.23 -24.26 -11.39
N LEU D 137 -9.04 -23.78 -10.44
CA LEU D 137 -8.68 -22.62 -9.62
C LEU D 137 -7.53 -22.97 -8.70
N MET D 138 -7.56 -24.18 -8.13
CA MET D 138 -6.50 -24.66 -7.28
C MET D 138 -5.22 -24.90 -8.09
N ARG D 139 -5.37 -25.45 -9.30
CA ARG D 139 -4.21 -25.70 -10.16
C ARG D 139 -3.55 -24.37 -10.58
N PHE D 140 -4.37 -23.36 -10.85
CA PHE D 140 -3.89 -22.04 -11.21
C PHE D 140 -3.07 -21.45 -10.04
N PHE D 141 -3.66 -21.43 -8.85
CA PHE D 141 -2.95 -20.84 -7.71
C PHE D 141 -1.70 -21.59 -7.27
N ASN D 142 -1.73 -22.92 -7.33
CA ASN D 142 -0.55 -23.68 -6.95
C ASN D 142 0.57 -23.44 -7.93
N THR D 143 0.24 -23.47 -9.22
CA THR D 143 1.31 -23.34 -10.20
C THR D 143 1.77 -21.88 -10.32
N LEU D 144 0.85 -20.94 -10.09
CA LEU D 144 1.25 -19.52 -10.10
C LEU D 144 2.21 -19.25 -8.94
N TYR D 145 1.89 -19.79 -7.75
CA TYR D 145 2.77 -19.64 -6.59
C TYR D 145 4.19 -20.12 -6.90
N ALA D 146 4.30 -21.28 -7.55
CA ALA D 146 5.61 -21.85 -7.88
C ALA D 146 6.36 -20.98 -8.89
N ALA D 147 5.64 -20.40 -9.84
CA ALA D 147 6.27 -19.64 -10.91
C ALA D 147 6.74 -18.25 -10.47
N LEU D 148 6.26 -17.79 -9.32
CA LEU D 148 6.71 -16.50 -8.78
C LEU D 148 7.98 -16.68 -7.95
N LYS D 149 8.89 -15.71 -8.02
CA LYS D 149 10.04 -15.71 -7.13
C LYS D 149 9.51 -15.64 -5.70
N LYS D 150 10.32 -16.09 -4.74
CA LYS D 150 9.95 -15.97 -3.34
C LYS D 150 9.81 -14.48 -3.02
N GLY D 151 8.72 -14.11 -2.34
CA GLY D 151 8.45 -12.70 -2.12
C GLY D 151 7.76 -12.06 -3.31
N GLY D 152 7.46 -12.86 -4.33
CA GLY D 152 6.78 -12.37 -5.53
C GLY D 152 5.36 -11.96 -5.23
N LYS D 153 4.84 -11.01 -6.03
CA LYS D 153 3.52 -10.47 -5.79
C LYS D 153 2.55 -10.78 -6.94
N PHE D 154 1.27 -10.87 -6.60
CA PHE D 154 0.22 -11.08 -7.58
C PHE D 154 -0.91 -10.15 -7.22
N VAL D 155 -1.41 -9.42 -8.20
CA VAL D 155 -2.62 -8.63 -8.02
C VAL D 155 -3.61 -9.02 -9.10
N ALA D 156 -4.83 -9.35 -8.68
CA ALA D 156 -5.89 -9.70 -9.62
C ALA D 156 -7.14 -8.88 -9.34
N GLN D 157 -7.65 -8.21 -10.37
CA GLN D 157 -8.94 -7.54 -10.29
C GLN D 157 -10.03 -8.50 -10.76
N PHE D 158 -10.97 -8.82 -9.90
CA PHE D 158 -12.07 -9.66 -10.32
C PHE D 158 -13.42 -9.01 -10.01
N TYR D 159 -14.32 -9.10 -10.98
CA TYR D 159 -15.71 -8.76 -10.76
C TYR D 159 -16.37 -9.95 -10.11
N PRO D 160 -16.74 -9.82 -8.83
CA PRO D 160 -17.42 -10.95 -8.20
C PRO D 160 -18.89 -11.01 -8.59
N LYS D 161 -19.40 -12.23 -8.71
CA LYS D 161 -20.82 -12.46 -8.54
C LYS D 161 -21.00 -12.64 -7.04
N ASN D 162 -20.89 -13.89 -6.60
CA ASN D 162 -21.29 -14.26 -5.25
C ASN D 162 -20.17 -14.67 -4.31
N ASP D 163 -20.59 -15.07 -3.11
CA ASP D 163 -19.70 -15.21 -1.98
C ASP D 163 -19.12 -16.61 -1.82
N ASP D 164 -19.83 -17.63 -2.28
CA ASP D 164 -19.23 -18.97 -2.40
C ASP D 164 -18.00 -18.88 -3.30
N GLN D 165 -18.06 -17.99 -4.27
CA GLN D 165 -17.02 -17.79 -5.28
C GLN D 165 -15.85 -16.96 -4.73
N VAL D 166 -16.16 -15.79 -4.19
CA VAL D 166 -15.16 -14.92 -3.59
C VAL D 166 -14.33 -15.63 -2.52
N ASP D 167 -15.02 -16.35 -1.66
CA ASP D 167 -14.36 -17.04 -0.56
C ASP D 167 -13.70 -18.32 -1.04
N ASP D 168 -14.09 -18.79 -2.23
CA ASP D 168 -13.42 -19.93 -2.85
C ASP D 168 -12.07 -19.48 -3.39
N ILE D 169 -12.07 -18.30 -4.00
CA ILE D 169 -10.84 -17.73 -4.55
C ILE D 169 -9.82 -17.45 -3.44
N LEU D 170 -10.26 -16.76 -2.39
CA LEU D 170 -9.41 -16.47 -1.24
C LEU D 170 -8.85 -17.73 -0.63
N GLN D 171 -9.72 -18.72 -0.44
CA GLN D 171 -9.33 -19.96 0.20
C GLN D 171 -8.32 -20.71 -0.65
N SER D 172 -8.55 -20.75 -1.96
CA SER D 172 -7.62 -21.41 -2.86
C SER D 172 -6.26 -20.72 -2.83
N ALA D 173 -6.28 -19.39 -2.86
CA ALA D 173 -5.05 -18.61 -2.74
C ALA D 173 -4.29 -18.98 -1.45
N LYS D 174 -5.01 -19.00 -0.33
CA LYS D 174 -4.41 -19.33 0.97
C LYS D 174 -3.75 -20.71 0.97
N VAL D 175 -4.49 -21.71 0.52
CA VAL D 175 -4.00 -23.09 0.46
C VAL D 175 -2.71 -23.20 -0.37
N ALA D 176 -2.67 -22.48 -1.49
CA ALA D 176 -1.49 -22.50 -2.36
C ALA D 176 -0.26 -21.87 -1.69
N GLY D 177 -0.47 -21.16 -0.58
CA GLY D 177 0.63 -20.54 0.13
C GLY D 177 0.74 -19.01 0.05
N PHE D 178 -0.18 -18.36 -0.66
CA PHE D 178 -0.15 -16.89 -0.72
C PHE D 178 -0.61 -16.26 0.58
N SER D 179 -0.01 -15.12 0.94
CA SER D 179 -0.58 -14.28 1.99
C SER D 179 -0.97 -12.90 1.44
N GLY D 180 -1.72 -12.15 2.23
CA GLY D 180 -2.20 -10.85 1.81
C GLY D 180 -3.68 -10.73 2.06
N GLY D 181 -4.41 -10.25 1.06
CA GLY D 181 -5.82 -10.06 1.23
C GLY D 181 -6.48 -9.25 0.14
N LEU D 182 -7.57 -8.58 0.51
CA LEU D 182 -8.43 -7.94 -0.47
C LEU D 182 -8.35 -6.42 -0.34
N VAL D 183 -8.42 -5.75 -1.47
CA VAL D 183 -8.54 -4.30 -1.50
C VAL D 183 -9.82 -4.00 -2.28
N VAL D 184 -10.75 -3.27 -1.67
CA VAL D 184 -11.99 -2.92 -2.35
C VAL D 184 -12.03 -1.41 -2.53
N ASP D 185 -11.95 -0.96 -3.79
CA ASP D 185 -12.08 0.46 -4.09
C ASP D 185 -13.56 0.83 -4.21
N ASP D 186 -13.89 2.08 -3.89
CA ASP D 186 -15.25 2.63 -3.95
C ASP D 186 -16.31 1.63 -3.51
N PRO D 187 -16.17 1.05 -2.31
CA PRO D 187 -17.03 -0.08 -1.93
C PRO D 187 -18.50 0.29 -1.74
N GLU D 188 -18.80 1.57 -1.52
CA GLU D 188 -20.20 1.96 -1.31
C GLU D 188 -20.93 2.33 -2.59
N SER D 189 -20.29 2.08 -3.73
CA SER D 189 -20.94 2.27 -5.03
C SER D 189 -21.13 0.92 -5.69
N LYS D 190 -22.39 0.53 -5.92
CA LYS D 190 -22.72 -0.74 -6.55
C LYS D 190 -22.09 -0.82 -7.95
N LYS D 191 -21.98 0.33 -8.61
CA LYS D 191 -21.46 0.39 -9.96
C LYS D 191 -19.94 0.54 -10.01
N ASN D 192 -19.41 1.46 -9.21
CA ASN D 192 -17.99 1.80 -9.28
C ASN D 192 -17.04 0.87 -8.54
N LYS D 193 -17.55 0.05 -7.63
CA LYS D 193 -16.69 -0.72 -6.74
C LYS D 193 -15.87 -1.79 -7.47
N LYS D 194 -14.60 -1.92 -7.08
CA LYS D 194 -13.73 -2.92 -7.67
C LYS D 194 -13.02 -3.75 -6.60
N TYR D 195 -12.95 -5.05 -6.82
CA TYR D 195 -12.26 -5.93 -5.90
C TYR D 195 -10.87 -6.26 -6.43
N TYR D 196 -9.84 -6.09 -5.59
CA TYR D 196 -8.48 -6.49 -5.97
C TYR D 196 -7.93 -7.50 -4.99
N LEU D 197 -7.52 -8.66 -5.50
CA LEU D 197 -6.78 -9.61 -4.69
C LEU D 197 -5.33 -9.14 -4.72
N VAL D 198 -4.74 -8.92 -3.54
CA VAL D 198 -3.37 -8.43 -3.44
C VAL D 198 -2.55 -9.42 -2.63
N LEU D 199 -1.70 -10.18 -3.33
CA LEU D 199 -1.07 -11.34 -2.73
C LEU D 199 0.45 -11.33 -2.82
N SER D 200 1.08 -12.09 -1.93
CA SER D 200 2.53 -12.25 -1.94
C SER D 200 2.87 -13.73 -1.77
N SER D 201 4.00 -14.14 -2.36
CA SER D 201 4.56 -15.48 -2.13
C SER D 201 5.27 -15.53 -0.77
N GLY D 202 5.31 -14.41 -0.06
CA GLY D 202 6.02 -14.34 1.20
C GLY D 202 6.26 -12.90 1.61
ZN ZN E . -17.96 27.24 22.87
C1 EDO F . -0.68 13.72 28.45
O1 EDO F . 0.01 14.15 29.65
C2 EDO F . -0.30 12.28 28.13
O2 EDO F . 1.09 12.13 27.79
C1 EDO G . -4.19 0.78 21.95
O1 EDO G . -3.32 1.79 22.50
C2 EDO G . -4.16 0.83 20.42
O2 EDO G . -4.91 1.97 19.94
C1 EDO H . -5.58 -14.57 0.76
O1 EDO H . -6.76 -15.32 1.10
C2 EDO H . -4.43 -14.97 1.68
O2 EDO H . -4.60 -14.31 2.94
C1 EDO I . -22.22 18.38 12.40
O1 EDO I . -22.86 17.56 13.36
C2 EDO I . -21.85 17.51 11.22
O2 EDO I . -22.66 16.33 11.32
O16 12P J . -4.91 -6.85 1.86
C15 12P J . -3.56 -7.31 1.77
C14 12P J . -2.58 -6.52 0.88
O13 12P J . -2.72 -5.17 0.83
C12 12P J . -1.59 -4.40 0.58
C11 12P J . -1.71 -3.35 -0.53
O10 12P J . -2.86 -2.60 -0.51
C9 12P J . -3.03 -1.61 0.47
C8 12P J . -2.57 -0.19 0.13
O7 12P J . -3.48 0.66 -0.34
C6 12P J . -4.73 0.67 0.20
C5 12P J . -5.93 1.03 -0.76
O4 12P J . -6.24 2.40 -1.01
C3 12P J . -7.55 2.89 -0.73
C2 12P J . -8.70 2.10 -1.24
O1 12P J . -9.15 0.96 -0.41
ZN ZN K . 6.31 -32.98 -20.94
#